data_7LSV
#
_entry.id   7LSV
#
_cell.length_a   43.310
_cell.length_b   54.750
_cell.length_c   71.650
_cell.angle_alpha   90.000
_cell.angle_beta   107.040
_cell.angle_gamma   90.000
#
_symmetry.space_group_name_H-M   'P 1 21 1'
#
loop_
_entity.id
_entity.type
_entity.pdbx_description
1 polymer 'Calmodulin-dependent protein kinase'
2 non-polymer 'SODIUM ION'
3 non-polymer 'MALONATE ION'
4 water water
#
_entity_poly.entity_id   1
_entity_poly.type   'polypeptide(L)'
_entity_poly.pdbx_seq_one_letter_code
;SNAELESEALGLQAYKNQMSKQQLLGEIQGFKENYWNMKDLLTLTNRHHLRVFLEYLDNICSAFKDDKTDEKSARAAYDF
LNAQINKLFEDNSKNSKPSFESFSEDVQRFLIHIDTYLMKNPSACSNSIASTIQLLKQLDNKKSFNPEQSFKDFCSYKEI
TIQLLLKPFETPVAEMAS
;
_entity_poly.pdbx_strand_id   A,B
#
loop_
_chem_comp.id
_chem_comp.type
_chem_comp.name
_chem_comp.formula
MLI non-polymer 'MALONATE ION' 'C3 H2 O4 -2'
NA non-polymer 'SODIUM ION' 'Na 1'
#
# COMPACT_ATOMS: atom_id res chain seq x y z
N LYS A 16 5.43 -3.32 46.58
CA LYS A 16 4.54 -4.46 46.85
C LYS A 16 3.72 -4.84 45.62
N ASN A 17 3.18 -6.07 45.66
CA ASN A 17 2.14 -6.43 44.71
C ASN A 17 0.93 -5.51 44.86
N GLN A 18 0.57 -5.18 46.10
CA GLN A 18 -0.56 -4.28 46.31
C GLN A 18 -0.23 -2.85 45.86
N MET A 19 1.02 -2.40 46.03
CA MET A 19 1.38 -1.08 45.53
C MET A 19 1.44 -1.04 44.01
N SER A 20 1.95 -2.11 43.38
CA SER A 20 1.95 -2.09 41.92
C SER A 20 0.53 -2.16 41.36
N LYS A 21 -0.37 -2.81 42.10
CA LYS A 21 -1.78 -2.81 41.70
C LYS A 21 -2.36 -1.40 41.74
N GLN A 22 -2.13 -0.69 42.87
CA GLN A 22 -2.65 0.68 42.97
C GLN A 22 -2.02 1.59 41.92
N GLN A 23 -0.78 1.31 41.53
CA GLN A 23 -0.11 2.11 40.52
C GLN A 23 -0.84 2.01 39.19
N LEU A 24 -1.13 0.78 38.75
CA LEU A 24 -1.78 0.60 37.46
C LEU A 24 -3.19 1.17 37.46
N LEU A 25 -3.93 0.98 38.57
CA LEU A 25 -5.28 1.55 38.62
C LEU A 25 -5.20 3.07 38.52
N GLY A 26 -4.17 3.66 39.14
CA GLY A 26 -4.00 5.10 39.05
C GLY A 26 -3.67 5.55 37.64
N GLU A 27 -2.80 4.80 36.96
CA GLU A 27 -2.48 5.11 35.56
C GLU A 27 -3.72 5.06 34.70
N ILE A 28 -4.50 4.00 34.85
CA ILE A 28 -5.65 3.84 33.95
C ILE A 28 -6.65 4.96 34.19
N GLN A 29 -6.84 5.37 35.45
CA GLN A 29 -7.77 6.46 35.72
C GLN A 29 -7.28 7.78 35.12
N GLY A 30 -5.98 8.06 35.23
CA GLY A 30 -5.46 9.28 34.60
C GLY A 30 -5.58 9.23 33.09
N PHE A 31 -5.36 8.06 32.50
CA PHE A 31 -5.49 7.86 31.07
C PHE A 31 -6.92 8.11 30.62
N LYS A 32 -7.89 7.51 31.33
CA LYS A 32 -9.29 7.68 30.97
C LYS A 32 -9.70 9.16 31.05
N GLU A 33 -9.20 9.89 32.06
CA GLU A 33 -9.55 11.30 32.19
C GLU A 33 -8.98 12.12 31.05
N ASN A 34 -7.73 11.85 30.67
CA ASN A 34 -7.12 12.57 29.57
C ASN A 34 -7.97 12.46 28.31
N TYR A 35 -8.42 11.25 27.98
CA TYR A 35 -9.08 11.08 26.68
C TYR A 35 -10.53 11.54 26.74
N TRP A 36 -11.22 11.29 27.85
CA TRP A 36 -12.58 11.78 27.94
C TRP A 36 -12.60 13.30 27.92
N ASN A 37 -11.57 13.93 28.48
CA ASN A 37 -11.52 15.38 28.47
C ASN A 37 -11.31 15.95 27.08
N MET A 38 -10.94 15.12 26.10
CA MET A 38 -10.77 15.55 24.71
C MET A 38 -11.87 15.06 23.79
N LYS A 39 -12.93 14.44 24.34
CA LYS A 39 -13.91 13.82 23.49
C LYS A 39 -14.62 14.82 22.58
N ASP A 40 -14.66 16.10 22.95
CA ASP A 40 -15.34 17.05 22.09
C ASP A 40 -14.60 17.28 20.78
N LEU A 41 -13.33 16.86 20.70
CA LEU A 41 -12.65 16.91 19.40
C LEU A 41 -13.25 15.91 18.42
N LEU A 42 -13.88 14.86 18.92
CA LEU A 42 -14.28 13.73 18.09
C LEU A 42 -15.65 13.93 17.47
N THR A 43 -15.83 13.39 16.27
CA THR A 43 -17.17 13.31 15.70
C THR A 43 -18.09 12.52 16.62
N LEU A 44 -19.39 12.67 16.38
CA LEU A 44 -20.38 11.96 17.18
C LEU A 44 -20.11 10.46 17.18
N THR A 45 -19.89 9.88 15.99
CA THR A 45 -19.62 8.45 15.90
C THR A 45 -18.37 8.07 16.66
N ASN A 46 -17.32 8.87 16.51
CA ASN A 46 -16.08 8.54 17.19
C ASN A 46 -16.18 8.76 18.69
N ARG A 47 -17.01 9.70 19.15
CA ARG A 47 -17.28 9.82 20.59
C ARG A 47 -17.87 8.54 21.13
N HIS A 48 -18.78 7.94 20.36
CA HIS A 48 -19.40 6.72 20.81
C HIS A 48 -18.37 5.60 20.89
N HIS A 49 -17.46 5.50 19.92
CA HIS A 49 -16.38 4.51 20.03
C HIS A 49 -15.54 4.75 21.28
N LEU A 50 -15.27 6.01 21.58
CA LEU A 50 -14.45 6.31 22.77
C LEU A 50 -15.16 5.88 24.03
N ARG A 51 -16.47 6.16 24.12
CA ARG A 51 -17.24 5.71 25.29
C ARG A 51 -17.14 4.20 25.45
N VAL A 52 -17.29 3.45 24.36
CA VAL A 52 -17.20 1.99 24.42
C VAL A 52 -15.81 1.55 24.87
N PHE A 53 -14.75 2.20 24.37
CA PHE A 53 -13.41 1.77 24.78
C PHE A 53 -13.14 2.12 26.24
N LEU A 54 -13.69 3.23 26.71
CA LEU A 54 -13.47 3.58 28.12
C LEU A 54 -14.28 2.67 29.04
N GLU A 55 -15.43 2.15 28.58
CA GLU A 55 -16.13 1.09 29.31
C GLU A 55 -15.27 -0.16 29.43
N TYR A 56 -14.56 -0.52 28.35
CA TYR A 56 -13.66 -1.67 28.46
C TYR A 56 -12.55 -1.40 29.47
N LEU A 57 -12.00 -0.17 29.48
CA LEU A 57 -10.99 0.17 30.47
C LEU A 57 -11.55 0.06 31.88
N ASP A 58 -12.81 0.45 32.08
CA ASP A 58 -13.44 0.25 33.37
C ASP A 58 -13.52 -1.23 33.72
N ASN A 59 -13.85 -2.07 32.75
CA ASN A 59 -13.91 -3.51 32.98
C ASN A 59 -12.56 -4.05 33.41
N ILE A 60 -11.49 -3.61 32.75
CA ILE A 60 -10.14 -4.03 33.18
C ILE A 60 -9.90 -3.64 34.64
N CYS A 61 -10.19 -2.38 35.00
CA CYS A 61 -9.93 -1.92 36.37
C CYS A 61 -10.70 -2.73 37.40
N SER A 62 -12.01 -2.95 37.17
CA SER A 62 -12.81 -3.66 38.16
C SER A 62 -12.37 -5.12 38.27
N ALA A 63 -12.09 -5.78 37.14
CA ALA A 63 -11.59 -7.15 37.20
C ALA A 63 -10.28 -7.21 37.97
N PHE A 64 -9.40 -6.24 37.75
CA PHE A 64 -8.10 -6.26 38.42
C PHE A 64 -8.26 -5.93 39.91
N LYS A 65 -9.07 -4.92 40.22
CA LYS A 65 -9.38 -4.60 41.62
C LYS A 65 -9.85 -5.83 42.37
N ASP A 66 -10.67 -6.65 41.72
CA ASP A 66 -11.28 -7.78 42.39
C ASP A 66 -10.46 -9.06 42.25
N ASP A 67 -9.20 -8.93 41.80
CA ASP A 67 -8.28 -10.05 41.61
C ASP A 67 -8.88 -11.14 40.73
N LYS A 68 -9.61 -10.73 39.69
CA LYS A 68 -10.12 -11.65 38.66
C LYS A 68 -9.24 -11.69 37.44
N THR A 69 -8.19 -10.87 37.42
CA THR A 69 -7.14 -10.94 36.42
C THR A 69 -5.85 -10.53 37.10
N ASP A 70 -4.73 -10.91 36.50
CA ASP A 70 -3.46 -10.50 37.06
C ASP A 70 -2.96 -9.23 36.37
N GLU A 71 -1.87 -8.70 36.93
CA GLU A 71 -1.38 -7.40 36.48
C GLU A 71 -0.86 -7.46 35.06
N LYS A 72 -0.18 -8.56 34.71
CA LYS A 72 0.36 -8.67 33.36
C LYS A 72 -0.74 -8.62 32.32
N SER A 73 -1.82 -9.36 32.57
CA SER A 73 -2.92 -9.42 31.62
C SER A 73 -3.65 -8.08 31.55
N ALA A 74 -3.91 -7.50 32.72
CA ALA A 74 -4.59 -6.20 32.73
C ALA A 74 -3.78 -5.16 32.01
N ARG A 75 -2.48 -5.12 32.28
CA ARG A 75 -1.68 -4.10 31.59
C ARG A 75 -1.63 -4.37 30.09
N ALA A 76 -1.59 -5.65 29.70
CA ALA A 76 -1.58 -5.95 28.27
C ALA A 76 -2.85 -5.45 27.60
N ALA A 77 -3.99 -5.64 28.24
CA ALA A 77 -5.26 -5.14 27.70
C ALA A 77 -5.29 -3.62 27.65
N TYR A 78 -4.75 -2.98 28.69
CA TYR A 78 -4.66 -1.53 28.72
C TYR A 78 -3.82 -1.01 27.55
N ASP A 79 -2.64 -1.61 27.33
CA ASP A 79 -1.79 -1.24 26.20
C ASP A 79 -2.53 -1.39 24.87
N PHE A 80 -3.26 -2.50 24.70
CA PHE A 80 -4.01 -2.73 23.46
C PHE A 80 -5.04 -1.64 23.24
N LEU A 81 -5.80 -1.31 24.29
CA LEU A 81 -6.84 -0.28 24.18
C LEU A 81 -6.24 1.11 23.99
N ASN A 82 -5.11 1.38 24.64
CA ASN A 82 -4.39 2.62 24.46
C ASN A 82 -4.16 2.84 22.97
N ALA A 83 -3.69 1.79 22.30
CA ALA A 83 -3.43 1.91 20.86
C ALA A 83 -4.72 2.14 20.09
N GLN A 84 -5.80 1.46 20.45
CA GLN A 84 -7.04 1.66 19.68
C GLN A 84 -7.64 3.02 19.94
N ILE A 85 -7.53 3.52 21.17
CA ILE A 85 -8.05 4.85 21.45
C ILE A 85 -7.28 5.90 20.66
N ASN A 86 -5.95 5.79 20.62
CA ASN A 86 -5.18 6.75 19.85
C ASN A 86 -5.49 6.67 18.35
N LYS A 87 -5.75 5.47 17.84
CA LYS A 87 -6.11 5.33 16.43
C LYS A 87 -7.45 6.00 16.15
N LEU A 88 -8.33 6.02 17.14
CA LEU A 88 -9.60 6.73 16.97
C LEU A 88 -9.36 8.23 16.73
N PHE A 89 -8.50 8.83 17.54
CA PHE A 89 -8.15 10.22 17.31
C PHE A 89 -7.44 10.41 15.98
N GLU A 90 -6.54 9.49 15.62
CA GLU A 90 -5.86 9.55 14.34
C GLU A 90 -6.85 9.57 13.19
N ASP A 91 -7.85 8.69 13.22
CA ASP A 91 -8.79 8.55 12.12
C ASP A 91 -9.84 9.66 12.10
N ASN A 92 -9.98 10.39 13.22
CA ASN A 92 -11.08 11.35 13.36
C ASN A 92 -11.04 12.46 12.32
N SER A 93 -9.87 12.78 11.75
CA SER A 93 -9.83 13.75 10.66
C SER A 93 -10.00 13.13 9.29
N LYS A 94 -10.40 11.86 9.21
CA LYS A 94 -10.61 11.18 7.94
C LYS A 94 -12.09 10.85 7.80
N ASN A 95 -12.71 11.38 6.74
CA ASN A 95 -14.11 11.08 6.44
C ASN A 95 -14.30 10.31 5.14
N SER A 96 -13.37 10.46 4.18
CA SER A 96 -13.46 9.76 2.92
C SER A 96 -12.99 8.32 3.08
N LYS A 97 -13.37 7.48 2.10
CA LYS A 97 -12.90 6.12 2.06
C LYS A 97 -11.38 6.09 1.91
N PRO A 98 -10.70 5.12 2.51
CA PRO A 98 -9.24 5.08 2.42
C PRO A 98 -8.76 4.55 1.08
N SER A 99 -7.58 5.02 0.69
CA SER A 99 -6.85 4.38 -0.40
C SER A 99 -6.51 2.96 0.01
N PHE A 100 -6.17 2.11 -0.96
CA PHE A 100 -5.77 0.78 -0.55
C PHE A 100 -4.51 0.83 0.29
N GLU A 101 -3.57 1.71 -0.06
CA GLU A 101 -2.34 1.81 0.71
C GLU A 101 -2.65 2.13 2.17
N SER A 102 -3.55 3.10 2.40
CA SER A 102 -3.91 3.45 3.78
C SER A 102 -4.62 2.29 4.48
N PHE A 103 -5.56 1.67 3.77
CA PHE A 103 -6.31 0.52 4.29
C PHE A 103 -5.39 -0.62 4.71
N SER A 104 -4.47 -0.97 3.83
CA SER A 104 -3.56 -2.08 4.11
C SER A 104 -2.70 -1.77 5.31
N GLU A 105 -2.24 -0.51 5.43
CA GLU A 105 -1.51 -0.12 6.65
C GLU A 105 -2.39 -0.29 7.88
N ASP A 106 -3.64 0.12 7.80
CA ASP A 106 -4.52 0.01 8.96
C ASP A 106 -4.71 -1.46 9.36
N VAL A 107 -4.97 -2.33 8.38
CA VAL A 107 -5.15 -3.74 8.68
C VAL A 107 -3.90 -4.31 9.32
N GLN A 108 -2.74 -4.05 8.71
CA GLN A 108 -1.47 -4.57 9.23
C GLN A 108 -1.21 -4.07 10.65
N ARG A 109 -1.46 -2.80 10.91
CA ARG A 109 -1.22 -2.26 12.25
C ARG A 109 -2.14 -2.94 13.26
N PHE A 110 -3.40 -3.13 12.91
CA PHE A 110 -4.34 -3.73 13.86
C PHE A 110 -3.92 -5.17 14.16
N LEU A 111 -3.50 -5.91 13.14
CA LEU A 111 -2.99 -7.27 13.32
C LEU A 111 -1.77 -7.28 14.25
N ILE A 112 -0.87 -6.31 14.08
CA ILE A 112 0.31 -6.25 14.99
C ILE A 112 -0.16 -6.03 16.42
N HIS A 113 -1.13 -5.13 16.62
CA HIS A 113 -1.62 -4.89 17.97
C HIS A 113 -2.24 -6.15 18.56
N ILE A 114 -3.03 -6.87 17.75
CA ILE A 114 -3.57 -8.16 18.20
C ILE A 114 -2.45 -9.12 18.60
N ASP A 115 -1.45 -9.29 17.73
N ASP A 115 -1.48 -9.32 17.71
CA ASP A 115 -0.40 -10.27 17.97
CA ASP A 115 -0.41 -10.27 17.98
C ASP A 115 0.44 -9.90 19.18
C ASP A 115 0.36 -9.89 19.24
N THR A 116 0.67 -8.60 19.40
CA THR A 116 1.37 -8.16 20.59
C THR A 116 0.57 -8.47 21.86
N TYR A 117 -0.73 -8.20 21.81
CA TYR A 117 -1.59 -8.46 22.96
C TYR A 117 -1.62 -9.94 23.29
N LEU A 118 -1.80 -10.79 22.27
CA LEU A 118 -1.84 -12.22 22.55
C LEU A 118 -0.49 -12.76 22.99
N MET A 119 0.63 -12.16 22.56
CA MET A 119 1.94 -12.59 23.07
C MET A 119 2.03 -12.30 24.57
N LYS A 120 1.47 -11.17 24.99
CA LYS A 120 1.55 -10.78 26.38
C LYS A 120 0.46 -11.41 27.24
N ASN A 121 -0.65 -11.80 26.63
CA ASN A 121 -1.79 -12.37 27.36
C ASN A 121 -2.32 -13.58 26.60
N PRO A 122 -1.56 -14.68 26.57
CA PRO A 122 -1.96 -15.79 25.68
C PRO A 122 -3.22 -16.50 26.11
N SER A 123 -3.64 -16.36 27.37
CA SER A 123 -4.90 -16.97 27.76
C SER A 123 -6.08 -16.35 27.02
N ALA A 124 -5.92 -15.19 26.37
CA ALA A 124 -7.04 -14.55 25.70
C ALA A 124 -7.32 -15.13 24.33
N CYS A 125 -6.44 -15.95 23.77
N CYS A 125 -6.48 -16.05 23.87
CA CYS A 125 -6.78 -16.42 22.43
CA CYS A 125 -6.68 -16.72 22.58
C CYS A 125 -7.92 -17.43 22.50
C CYS A 125 -7.99 -17.51 22.55
N SER A 126 -8.57 -17.60 21.35
CA SER A 126 -9.68 -18.51 21.17
C SER A 126 -9.67 -18.93 19.71
N ASN A 127 -10.38 -20.01 19.40
CA ASN A 127 -10.50 -20.42 18.01
C ASN A 127 -11.10 -19.30 17.18
N SER A 128 -12.11 -18.61 17.70
CA SER A 128 -12.80 -17.66 16.84
C SER A 128 -11.97 -16.39 16.64
N ILE A 129 -11.15 -16.02 17.63
CA ILE A 129 -10.18 -14.95 17.45
C ILE A 129 -9.14 -15.33 16.42
N ALA A 130 -8.64 -16.57 16.47
CA ALA A 130 -7.69 -17.02 15.45
C ALA A 130 -8.30 -17.00 14.06
N SER A 131 -9.58 -17.42 13.94
CA SER A 131 -10.23 -17.38 12.64
C SER A 131 -10.38 -15.95 12.17
N THR A 132 -10.65 -15.04 13.08
CA THR A 132 -10.88 -13.66 12.69
C THR A 132 -9.58 -13.01 12.24
N ILE A 133 -8.45 -13.37 12.88
CA ILE A 133 -7.15 -12.91 12.40
C ILE A 133 -6.97 -13.30 10.95
N GLN A 134 -7.33 -14.53 10.61
CA GLN A 134 -7.16 -14.98 9.23
C GLN A 134 -8.06 -14.21 8.28
N LEU A 135 -9.31 -13.93 8.68
CA LEU A 135 -10.19 -13.14 7.81
C LEU A 135 -9.69 -11.71 7.66
N LEU A 136 -9.12 -11.14 8.72
CA LEU A 136 -8.50 -9.83 8.62
C LEU A 136 -7.35 -9.83 7.62
N LYS A 137 -6.48 -10.85 7.69
CA LYS A 137 -5.36 -10.97 6.76
C LYS A 137 -5.83 -11.06 5.31
N GLN A 138 -6.94 -11.75 5.08
CA GLN A 138 -7.45 -11.91 3.72
C GLN A 138 -7.95 -10.60 3.14
N LEU A 139 -8.43 -9.67 3.99
CA LEU A 139 -8.83 -8.35 3.51
C LEU A 139 -7.65 -7.56 2.93
N ASP A 140 -6.44 -7.86 3.37
CA ASP A 140 -5.26 -7.10 2.96
C ASP A 140 -4.75 -7.67 1.64
N ASN A 141 -5.50 -7.34 0.58
CA ASN A 141 -5.27 -7.96 -0.71
C ASN A 141 -5.82 -7.01 -1.75
N LYS A 142 -4.95 -6.39 -2.54
CA LYS A 142 -5.42 -5.32 -3.44
C LYS A 142 -6.35 -5.86 -4.52
N LYS A 143 -6.16 -7.10 -4.95
CA LYS A 143 -6.96 -7.61 -6.06
C LYS A 143 -8.43 -7.78 -5.68
N SER A 144 -8.72 -8.12 -4.44
CA SER A 144 -10.10 -8.30 -4.01
C SER A 144 -10.64 -7.09 -3.25
N PHE A 145 -9.88 -6.01 -3.20
CA PHE A 145 -10.25 -4.84 -2.40
C PHE A 145 -11.41 -4.12 -3.07
N ASN A 146 -12.53 -4.00 -2.34
CA ASN A 146 -13.68 -3.22 -2.78
C ASN A 146 -13.77 -2.06 -1.81
N PRO A 147 -13.47 -0.83 -2.25
CA PRO A 147 -13.23 0.26 -1.27
C PRO A 147 -14.32 0.41 -0.22
N GLU A 148 -15.59 0.28 -0.61
CA GLU A 148 -16.67 0.40 0.36
C GLU A 148 -16.83 -0.87 1.18
N GLN A 149 -16.94 -2.04 0.52
CA GLN A 149 -17.26 -3.25 1.26
C GLN A 149 -16.10 -3.69 2.14
N SER A 150 -14.89 -3.64 1.59
CA SER A 150 -13.71 -4.05 2.37
C SER A 150 -13.53 -3.20 3.61
N PHE A 151 -13.83 -1.90 3.51
CA PHE A 151 -13.68 -1.02 4.66
C PHE A 151 -14.74 -1.32 5.72
N LYS A 152 -16.00 -1.47 5.29
CA LYS A 152 -17.04 -1.86 6.23
C LYS A 152 -16.71 -3.18 6.91
N ASP A 153 -16.23 -4.17 6.15
CA ASP A 153 -15.86 -5.44 6.76
C ASP A 153 -14.69 -5.28 7.73
N PHE A 154 -13.66 -4.53 7.35
CA PHE A 154 -12.57 -4.27 8.30
C PHE A 154 -13.10 -3.64 9.58
N CYS A 155 -13.89 -2.58 9.45
CA CYS A 155 -14.38 -1.89 10.64
C CYS A 155 -15.25 -2.82 11.49
N SER A 156 -16.04 -3.68 10.86
CA SER A 156 -16.81 -4.66 11.61
C SER A 156 -15.91 -5.63 12.37
N TYR A 157 -14.96 -6.25 11.67
CA TYR A 157 -14.07 -7.20 12.33
C TYR A 157 -13.31 -6.52 13.45
N LYS A 158 -12.89 -5.28 13.23
CA LYS A 158 -12.08 -4.59 14.23
C LYS A 158 -12.89 -4.30 15.48
N GLU A 159 -14.11 -3.76 15.31
CA GLU A 159 -15.01 -3.50 16.43
C GLU A 159 -15.21 -4.75 17.26
N ILE A 160 -15.61 -5.84 16.61
CA ILE A 160 -15.96 -7.01 17.40
C ILE A 160 -14.71 -7.71 17.94
N THR A 161 -13.62 -7.73 17.18
CA THR A 161 -12.37 -8.33 17.70
C THR A 161 -11.92 -7.63 18.98
N ILE A 162 -12.02 -6.30 19.04
CA ILE A 162 -11.68 -5.62 20.28
C ILE A 162 -12.57 -6.12 21.41
N GLN A 163 -13.88 -6.26 21.15
CA GLN A 163 -14.80 -6.78 22.16
C GLN A 163 -14.41 -8.20 22.58
N LEU A 164 -14.02 -9.03 21.61
CA LEU A 164 -13.72 -10.43 21.94
C LEU A 164 -12.43 -10.55 22.74
N LEU A 165 -11.44 -9.69 22.42
CA LEU A 165 -10.15 -9.75 23.12
C LEU A 165 -10.28 -9.26 24.54
N LEU A 166 -11.23 -8.36 24.78
CA LEU A 166 -11.47 -7.79 26.10
C LEU A 166 -12.51 -8.55 26.90
N LYS A 167 -13.24 -9.47 26.26
CA LYS A 167 -14.26 -10.25 26.95
C LYS A 167 -13.79 -10.89 28.26
N PRO A 168 -12.51 -11.40 28.39
CA PRO A 168 -12.07 -11.92 29.68
C PRO A 168 -12.25 -10.96 30.85
N PHE A 169 -12.29 -9.64 30.61
CA PHE A 169 -12.41 -8.66 31.69
C PHE A 169 -13.85 -8.23 31.94
N GLU A 170 -14.77 -8.61 31.05
CA GLU A 170 -16.15 -8.17 31.16
C GLU A 170 -16.85 -8.77 32.39
N THR A 171 -16.91 -10.11 32.49
CA THR A 171 -17.51 -10.78 33.66
C THR A 171 -16.70 -12.01 34.09
N PRO A 172 -15.42 -11.83 34.43
CA PRO A 172 -14.64 -13.00 34.87
C PRO A 172 -15.06 -13.58 36.22
N LYS B 16 17.96 -3.14 7.19
CA LYS B 16 19.29 -3.11 6.56
C LYS B 16 19.16 -2.56 5.14
N ASN B 17 18.47 -3.30 4.28
CA ASN B 17 18.07 -2.77 2.99
C ASN B 17 16.91 -1.79 3.10
N GLN B 18 16.45 -1.50 4.33
CA GLN B 18 15.27 -0.64 4.48
C GLN B 18 15.58 0.80 4.08
N MET B 19 16.77 1.30 4.39
CA MET B 19 17.09 2.68 4.01
C MET B 19 17.13 2.83 2.49
N SER B 20 17.74 1.88 1.79
CA SER B 20 17.78 2.00 0.34
C SER B 20 16.40 1.75 -0.26
N LYS B 21 15.58 0.94 0.40
CA LYS B 21 14.20 0.77 -0.07
C LYS B 21 13.46 2.11 -0.03
N GLN B 22 13.58 2.82 1.07
CA GLN B 22 12.90 4.10 1.23
C GLN B 22 13.49 5.17 0.32
N GLN B 23 14.80 5.13 0.09
CA GLN B 23 15.36 6.09 -0.86
C GLN B 23 14.68 5.98 -2.22
N LEU B 24 14.56 4.75 -2.74
CA LEU B 24 13.97 4.55 -4.04
C LEU B 24 12.49 4.94 -4.05
N LEU B 25 11.74 4.59 -3.02
CA LEU B 25 10.33 4.96 -3.02
C LEU B 25 10.15 6.48 -3.05
N GLY B 26 11.01 7.20 -2.31
CA GLY B 26 10.95 8.65 -2.31
C GLY B 26 11.39 9.26 -3.63
N GLU B 27 12.42 8.68 -4.26
CA GLU B 27 12.82 9.11 -5.60
C GLU B 27 11.65 8.99 -6.57
N ILE B 28 11.01 7.83 -6.59
CA ILE B 28 9.95 7.63 -7.58
C ILE B 28 8.80 8.58 -7.33
N GLN B 29 8.49 8.83 -6.06
CA GLN B 29 7.39 9.75 -5.73
C GLN B 29 7.71 11.16 -6.21
N GLY B 30 8.93 11.64 -5.96
CA GLY B 30 9.32 12.96 -6.46
C GLY B 30 9.33 13.03 -7.97
N PHE B 31 9.77 11.96 -8.64
CA PHE B 31 9.74 11.91 -10.10
C PHE B 31 8.31 12.05 -10.60
N LYS B 32 7.39 11.24 -10.05
CA LYS B 32 5.98 11.30 -10.44
C LYS B 32 5.44 12.71 -10.27
N GLU B 33 5.74 13.36 -9.14
CA GLU B 33 5.25 14.72 -8.90
C GLU B 33 5.85 15.74 -9.87
N ASN B 34 7.16 15.64 -10.16
CA ASN B 34 7.75 16.54 -11.15
C ASN B 34 7.03 16.45 -12.47
N TYR B 35 6.77 15.23 -12.95
CA TYR B 35 6.24 15.12 -14.30
C TYR B 35 4.75 15.42 -14.34
N TRP B 36 3.99 15.01 -13.32
CA TRP B 36 2.59 15.38 -13.33
C TRP B 36 2.45 16.89 -13.23
N ASN B 37 3.38 17.53 -12.52
CA ASN B 37 3.37 18.99 -12.45
C ASN B 37 3.74 19.63 -13.78
N MET B 38 4.31 18.88 -14.72
CA MET B 38 4.61 19.44 -16.03
C MET B 38 3.66 18.96 -17.11
N LYS B 39 2.53 18.34 -16.73
CA LYS B 39 1.60 17.80 -17.73
C LYS B 39 1.01 18.88 -18.60
N ASP B 40 0.97 20.12 -18.13
CA ASP B 40 0.41 21.20 -18.93
C ASP B 40 1.22 21.50 -20.18
N LEU B 41 2.45 21.00 -20.26
CA LEU B 41 3.24 21.14 -21.48
C LEU B 41 2.74 20.23 -22.60
N LEU B 42 1.99 19.20 -22.27
CA LEU B 42 1.63 18.13 -23.18
C LEU B 42 0.28 18.33 -23.84
N THR B 43 0.14 17.78 -25.04
CA THR B 43 -1.16 17.68 -25.66
C THR B 43 -2.09 16.83 -24.80
N LEU B 44 -3.39 16.98 -25.06
CA LEU B 44 -4.39 16.17 -24.37
C LEU B 44 -4.06 14.68 -24.46
N THR B 45 -3.76 14.21 -25.67
CA THR B 45 -3.46 12.80 -25.88
C THR B 45 -2.24 12.40 -25.07
N ASN B 46 -1.24 13.25 -25.02
CA ASN B 46 -0.04 12.86 -24.33
C ASN B 46 -0.19 12.95 -22.82
N ARG B 47 -1.10 13.81 -22.31
CA ARG B 47 -1.39 13.79 -20.88
C ARG B 47 -2.01 12.47 -20.49
N HIS B 48 -2.87 11.93 -21.36
CA HIS B 48 -3.45 10.61 -21.09
C HIS B 48 -2.37 9.54 -21.08
N HIS B 49 -1.45 9.58 -22.05
CA HIS B 49 -0.32 8.65 -22.04
C HIS B 49 0.47 8.76 -20.76
N LEU B 50 0.73 10.00 -20.31
CA LEU B 50 1.51 10.21 -19.09
C LEU B 50 0.79 9.60 -17.90
N ARG B 51 -0.53 9.78 -17.82
CA ARG B 51 -1.30 9.17 -16.73
C ARG B 51 -1.09 7.66 -16.68
N VAL B 52 -1.15 7.00 -17.85
CA VAL B 52 -0.93 5.55 -17.91
C VAL B 52 0.44 5.19 -17.37
N PHE B 53 1.48 5.93 -17.78
CA PHE B 53 2.84 5.62 -17.30
C PHE B 53 2.99 5.85 -15.80
N LEU B 54 2.36 6.90 -15.27
CA LEU B 54 2.49 7.16 -13.84
C LEU B 54 1.72 6.14 -13.02
N GLU B 55 0.64 5.56 -13.59
CA GLU B 55 -0.04 4.43 -12.95
C GLU B 55 0.90 3.24 -12.87
N TYR B 56 1.70 3.02 -13.91
CA TYR B 56 2.68 1.94 -13.86
C TYR B 56 3.69 2.21 -12.76
N LEU B 57 4.18 3.46 -12.67
CA LEU B 57 5.11 3.82 -11.60
C LEU B 57 4.48 3.55 -10.24
N ASP B 58 3.19 3.87 -10.09
CA ASP B 58 2.54 3.60 -8.80
C ASP B 58 2.57 2.10 -8.49
N ASN B 59 2.37 1.26 -9.51
CA ASN B 59 2.39 -0.19 -9.27
C ASN B 59 3.78 -0.67 -8.88
N ILE B 60 4.85 -0.11 -9.47
CA ILE B 60 6.19 -0.48 -9.04
C ILE B 60 6.34 -0.17 -7.56
N CYS B 61 5.90 1.01 -7.14
CA CYS B 61 5.99 1.41 -5.74
C CYS B 61 5.23 0.46 -4.81
N SER B 62 3.96 0.16 -5.12
CA SER B 62 3.19 -0.70 -4.22
C SER B 62 3.78 -2.10 -4.16
N ALA B 63 4.25 -2.64 -5.28
CA ALA B 63 4.85 -3.96 -5.24
C ALA B 63 6.10 -3.94 -4.37
N PHE B 64 6.89 -2.87 -4.48
CA PHE B 64 8.13 -2.77 -3.75
C PHE B 64 7.90 -2.44 -2.28
N LYS B 65 6.97 -1.52 -1.99
CA LYS B 65 6.64 -1.22 -0.60
C LYS B 65 6.17 -2.47 0.14
N ASP B 66 5.48 -3.37 -0.57
CA ASP B 66 4.96 -4.60 0.02
C ASP B 66 5.93 -5.77 -0.08
N ASP B 67 7.15 -5.52 -0.56
CA ASP B 67 8.22 -6.51 -0.63
C ASP B 67 7.86 -7.68 -1.55
N LYS B 68 7.13 -7.37 -2.63
CA LYS B 68 6.78 -8.31 -3.69
C LYS B 68 7.74 -8.25 -4.88
N THR B 69 8.63 -7.28 -4.91
CA THR B 69 9.72 -7.25 -5.85
C THR B 69 10.91 -6.65 -5.12
N ASP B 70 12.11 -6.82 -5.67
CA ASP B 70 13.28 -6.33 -4.97
C ASP B 70 13.71 -4.96 -5.52
N GLU B 71 14.68 -4.34 -4.84
N GLU B 71 14.70 -4.36 -4.85
CA GLU B 71 15.12 -3.00 -5.23
CA GLU B 71 15.13 -3.02 -5.22
C GLU B 71 15.67 -3.01 -6.65
C GLU B 71 15.70 -2.98 -6.62
N LYS B 72 16.44 -4.03 -7.01
CA LYS B 72 17.08 -4.02 -8.32
C LYS B 72 16.05 -4.02 -9.44
N SER B 73 15.01 -4.85 -9.27
CA SER B 73 13.98 -4.97 -10.29
C SER B 73 13.12 -3.72 -10.35
N ALA B 74 12.78 -3.18 -9.18
CA ALA B 74 11.97 -1.98 -9.10
C ALA B 74 12.69 -0.79 -9.73
N ARG B 75 13.96 -0.59 -9.39
CA ARG B 75 14.68 0.53 -9.96
C ARG B 75 14.88 0.35 -11.45
N ALA B 76 15.09 -0.90 -11.90
CA ALA B 76 15.24 -1.11 -13.34
C ALA B 76 13.98 -0.72 -14.08
N ALA B 77 12.81 -1.05 -13.52
CA ALA B 77 11.56 -0.75 -14.19
C ALA B 77 11.26 0.74 -14.11
N TYR B 78 11.61 1.37 -12.99
CA TYR B 78 11.57 2.84 -12.89
C TYR B 78 12.42 3.47 -13.98
N ASP B 79 13.66 3.02 -14.13
CA ASP B 79 14.55 3.57 -15.15
C ASP B 79 13.96 3.42 -16.54
N PHE B 80 13.38 2.26 -16.83
CA PHE B 80 12.76 2.05 -18.15
C PHE B 80 11.62 3.04 -18.40
N LEU B 81 10.76 3.24 -17.40
CA LEU B 81 9.63 4.17 -17.56
C LEU B 81 10.10 5.62 -17.59
N ASN B 82 11.16 5.95 -16.85
CA ASN B 82 11.76 7.27 -16.93
C ASN B 82 12.07 7.58 -18.38
N ALA B 83 12.72 6.65 -19.07
CA ALA B 83 13.06 6.85 -20.47
C ALA B 83 11.82 7.05 -21.33
N GLN B 84 10.77 6.23 -21.09
CA GLN B 84 9.57 6.33 -21.91
C GLN B 84 8.80 7.62 -21.63
N ILE B 85 8.77 8.06 -20.37
CA ILE B 85 8.11 9.32 -20.05
C ILE B 85 8.83 10.47 -20.73
N ASN B 86 10.17 10.45 -20.69
CA ASN B 86 10.90 11.51 -21.36
C ASN B 86 10.69 11.49 -22.87
N LYS B 87 10.57 10.29 -23.47
CA LYS B 87 10.32 10.23 -24.91
C LYS B 87 8.94 10.78 -25.25
N LEU B 88 7.98 10.65 -24.34
CA LEU B 88 6.66 11.26 -24.53
C LEU B 88 6.76 12.79 -24.63
N PHE B 89 7.57 13.40 -23.77
CA PHE B 89 7.77 14.85 -23.92
C PHE B 89 8.53 15.20 -25.19
N GLU B 90 9.58 14.40 -25.52
CA GLU B 90 10.33 14.58 -26.75
C GLU B 90 9.42 14.68 -27.97
N ASP B 91 8.49 13.74 -28.07
CA ASP B 91 7.62 13.61 -29.24
C ASP B 91 6.45 14.59 -29.22
N ASN B 92 6.24 15.27 -28.10
CA ASN B 92 5.04 16.09 -27.93
C ASN B 92 4.99 17.23 -28.94
N SER B 93 6.15 17.79 -29.28
CA SER B 93 6.22 18.91 -30.22
C SER B 93 6.23 18.47 -31.67
N LYS B 94 6.17 17.18 -31.95
CA LYS B 94 6.22 16.67 -33.32
C LYS B 94 4.81 16.32 -33.75
N ASN B 95 4.23 17.15 -34.61
CA ASN B 95 2.89 16.96 -35.16
C ASN B 95 2.90 16.49 -36.61
N SER B 96 4.00 15.87 -37.05
CA SER B 96 4.11 15.33 -38.40
C SER B 96 4.85 14.00 -38.33
N LYS B 97 4.48 13.07 -39.22
CA LYS B 97 5.04 11.73 -39.20
C LYS B 97 6.54 11.78 -39.50
N PRO B 98 7.31 10.88 -38.91
CA PRO B 98 8.77 10.99 -38.99
C PRO B 98 9.32 10.53 -40.34
N SER B 99 10.52 11.03 -40.65
CA SER B 99 11.36 10.42 -41.67
C SER B 99 11.72 9.00 -41.24
N PHE B 100 12.19 8.22 -42.21
CA PHE B 100 12.63 6.87 -41.86
C PHE B 100 13.80 6.92 -40.87
N GLU B 101 14.76 7.80 -41.09
CA GLU B 101 15.92 7.88 -40.20
C GLU B 101 15.48 8.16 -38.77
N SER B 102 14.49 9.05 -38.60
CA SER B 102 14.00 9.35 -37.26
C SER B 102 13.26 8.16 -36.67
N PHE B 103 12.43 7.52 -37.49
CA PHE B 103 11.69 6.34 -37.07
C PHE B 103 12.64 5.24 -36.64
N SER B 104 13.65 4.99 -37.47
CA SER B 104 14.56 3.90 -37.20
C SER B 104 15.32 4.15 -35.90
N GLU B 105 15.70 5.41 -35.67
CA GLU B 105 16.34 5.74 -34.39
C GLU B 105 15.40 5.46 -33.22
N ASP B 106 14.12 5.79 -33.37
CA ASP B 106 13.13 5.54 -32.31
C ASP B 106 13.03 4.05 -32.00
N VAL B 107 12.93 3.23 -33.06
CA VAL B 107 12.86 1.78 -32.85
C VAL B 107 14.10 1.28 -32.13
N GLN B 108 15.29 1.69 -32.62
CA GLN B 108 16.55 1.23 -32.03
C GLN B 108 16.67 1.67 -30.58
N ARG B 109 16.29 2.91 -30.29
CA ARG B 109 16.35 3.39 -28.91
C ARG B 109 15.43 2.58 -28.00
N PHE B 110 14.22 2.29 -28.46
CA PHE B 110 13.32 1.51 -27.62
C PHE B 110 13.86 0.11 -27.40
N LEU B 111 14.42 -0.51 -28.45
CA LEU B 111 14.99 -1.84 -28.26
C LEU B 111 16.16 -1.80 -27.29
N ILE B 112 16.97 -0.74 -27.34
CA ILE B 112 18.05 -0.59 -26.35
C ILE B 112 17.45 -0.48 -24.95
N HIS B 113 16.40 0.33 -24.79
CA HIS B 113 15.84 0.42 -23.45
C HIS B 113 15.30 -0.93 -22.97
N ILE B 114 14.66 -1.71 -23.85
CA ILE B 114 14.23 -3.04 -23.45
C ILE B 114 15.42 -3.90 -23.03
N ASP B 115 16.48 -3.92 -23.84
CA ASP B 115 17.63 -4.75 -23.52
C ASP B 115 18.26 -4.35 -22.19
N THR B 116 18.34 -3.05 -21.93
CA THR B 116 18.93 -2.58 -20.68
C THR B 116 18.11 -3.05 -19.50
N TYR B 117 16.78 -2.96 -19.64
CA TYR B 117 15.88 -3.40 -18.59
C TYR B 117 16.04 -4.90 -18.33
N LEU B 118 16.09 -5.70 -19.40
CA LEU B 118 16.23 -7.14 -19.24
C LEU B 118 17.62 -7.54 -18.73
N MET B 119 18.65 -6.74 -19.01
CA MET B 119 19.96 -7.00 -18.40
C MET B 119 19.90 -6.81 -16.89
N LYS B 120 19.21 -5.77 -16.44
CA LYS B 120 19.16 -5.41 -15.04
C LYS B 120 18.16 -6.27 -14.28
N ASN B 121 17.12 -6.75 -14.97
CA ASN B 121 16.09 -7.58 -14.37
C ASN B 121 15.85 -8.78 -15.28
N PRO B 122 16.79 -9.74 -15.32
CA PRO B 122 16.65 -10.86 -16.27
C PRO B 122 15.44 -11.74 -16.02
N SER B 123 14.93 -11.82 -14.80
CA SER B 123 13.73 -12.61 -14.59
C SER B 123 12.50 -12.02 -15.28
N ALA B 124 12.62 -10.84 -15.89
CA ALA B 124 11.50 -10.28 -16.63
C ALA B 124 11.36 -10.88 -18.04
N CYS B 125 12.36 -11.60 -18.53
CA CYS B 125 12.26 -12.18 -19.87
C CYS B 125 11.05 -13.11 -19.94
N SER B 126 10.34 -13.06 -21.07
CA SER B 126 9.25 -13.99 -21.31
C SER B 126 9.19 -14.29 -22.80
N ASN B 127 8.44 -15.35 -23.16
CA ASN B 127 8.21 -15.67 -24.56
C ASN B 127 7.46 -14.54 -25.26
N SER B 128 6.56 -13.88 -24.54
CA SER B 128 5.75 -12.83 -25.17
C SER B 128 6.59 -11.62 -25.48
N ILE B 129 7.50 -11.27 -24.58
CA ILE B 129 8.41 -10.16 -24.81
C ILE B 129 9.37 -10.48 -25.95
N ALA B 130 9.86 -11.71 -26.03
CA ALA B 130 10.73 -12.02 -27.15
C ALA B 130 9.98 -11.86 -28.47
N SER B 131 8.72 -12.29 -28.50
CA SER B 131 7.93 -12.15 -29.71
C SER B 131 7.72 -10.69 -30.10
N THR B 132 7.44 -9.80 -29.14
CA THR B 132 7.25 -8.40 -29.50
C THR B 132 8.56 -7.72 -29.90
N ILE B 133 9.68 -8.08 -29.26
CA ILE B 133 10.98 -7.57 -29.71
C ILE B 133 11.18 -7.90 -31.18
N GLN B 134 10.89 -9.13 -31.58
N GLN B 134 10.85 -9.12 -31.59
CA GLN B 134 11.09 -9.50 -32.97
CA GLN B 134 11.10 -9.52 -32.97
C GLN B 134 10.22 -8.64 -33.87
C GLN B 134 10.17 -8.80 -33.94
N LEU B 135 8.96 -8.46 -33.51
CA LEU B 135 8.06 -7.65 -34.34
C LEU B 135 8.59 -6.22 -34.46
N LEU B 136 9.16 -5.69 -33.38
CA LEU B 136 9.76 -4.37 -33.43
C LEU B 136 10.97 -4.35 -34.35
N LYS B 137 11.89 -5.31 -34.18
CA LYS B 137 13.04 -5.37 -35.06
C LYS B 137 12.61 -5.42 -36.51
N GLN B 138 11.53 -6.15 -36.82
CA GLN B 138 11.11 -6.28 -38.20
C GLN B 138 10.67 -4.95 -38.80
N LEU B 139 10.21 -4.01 -37.96
CA LEU B 139 9.79 -2.69 -38.42
C LEU B 139 10.97 -1.82 -38.87
N ASP B 140 12.16 -2.10 -38.37
CA ASP B 140 13.31 -1.25 -38.67
C ASP B 140 13.87 -1.67 -40.01
N ASN B 141 13.11 -1.35 -41.05
CA ASN B 141 13.37 -1.87 -42.39
C ASN B 141 12.90 -0.82 -43.37
N LYS B 142 13.84 -0.22 -44.10
CA LYS B 142 13.49 0.93 -44.94
C LYS B 142 12.64 0.51 -46.13
N LYS B 143 12.84 -0.70 -46.63
CA LYS B 143 12.12 -1.14 -47.81
C LYS B 143 10.64 -1.31 -47.52
N SER B 144 10.27 -1.73 -46.32
CA SER B 144 8.86 -1.93 -46.02
C SER B 144 8.25 -0.75 -45.27
N PHE B 145 9.05 0.29 -44.98
CA PHE B 145 8.57 1.43 -44.22
C PHE B 145 7.46 2.17 -44.96
N ASN B 146 6.36 2.42 -44.27
CA ASN B 146 5.24 3.19 -44.81
C ASN B 146 4.99 4.29 -43.79
N PRO B 147 5.26 5.57 -44.11
CA PRO B 147 5.33 6.59 -43.05
C PRO B 147 4.22 6.50 -42.02
N GLU B 148 2.97 6.63 -42.47
CA GLU B 148 1.81 6.55 -41.59
C GLU B 148 1.77 5.20 -40.86
N GLN B 149 1.65 4.10 -41.63
CA GLN B 149 1.31 2.82 -41.02
C GLN B 149 2.42 2.34 -40.10
N SER B 150 3.68 2.53 -40.49
CA SER B 150 4.78 1.97 -39.72
C SER B 150 4.90 2.62 -38.35
N PHE B 151 4.71 3.94 -38.28
CA PHE B 151 4.77 4.60 -36.97
C PHE B 151 3.61 4.15 -36.08
N LYS B 152 2.40 4.00 -36.65
CA LYS B 152 1.28 3.47 -35.88
C LYS B 152 1.61 2.09 -35.35
N ASP B 153 2.21 1.24 -36.18
CA ASP B 153 2.49 -0.12 -35.73
C ASP B 153 3.57 -0.12 -34.66
N PHE B 154 4.56 0.74 -34.80
CA PHE B 154 5.60 0.88 -33.77
C PHE B 154 4.97 1.29 -32.45
N CYS B 155 4.12 2.32 -32.49
CA CYS B 155 3.49 2.80 -31.26
C CYS B 155 2.67 1.69 -30.62
N SER B 156 2.03 0.88 -31.46
CA SER B 156 1.23 -0.23 -30.96
C SER B 156 2.09 -1.27 -30.26
N TYR B 157 3.17 -1.71 -30.91
CA TYR B 157 4.03 -2.71 -30.29
C TYR B 157 4.74 -2.15 -29.07
N LYS B 158 5.05 -0.85 -29.09
CA LYS B 158 5.65 -0.26 -27.89
C LYS B 158 4.68 -0.31 -26.72
N GLU B 159 3.41 0.04 -26.99
CA GLU B 159 2.42 0.06 -25.90
C GLU B 159 2.22 -1.35 -25.36
N ILE B 160 2.21 -2.34 -26.27
CA ILE B 160 2.06 -3.73 -25.85
C ILE B 160 3.26 -4.14 -25.00
N THR B 161 4.47 -3.83 -25.48
CA THR B 161 5.69 -4.24 -24.77
C THR B 161 5.75 -3.60 -23.39
N ILE B 162 5.47 -2.30 -23.30
CA ILE B 162 5.53 -1.65 -22.00
C ILE B 162 4.54 -2.29 -21.05
N GLN B 163 3.33 -2.59 -21.53
CA GLN B 163 2.36 -3.23 -20.65
C GLN B 163 2.82 -4.63 -20.24
N LEU B 164 3.36 -5.43 -21.17
CA LEU B 164 3.86 -6.75 -20.79
C LEU B 164 4.96 -6.65 -19.72
N LEU B 165 5.86 -5.69 -19.87
CA LEU B 165 6.93 -5.54 -18.87
C LEU B 165 6.43 -5.04 -17.51
N LEU B 166 5.38 -4.24 -17.48
CA LEU B 166 4.97 -3.65 -16.20
C LEU B 166 3.86 -4.43 -15.51
N LYS B 167 3.16 -5.29 -16.25
CA LYS B 167 2.08 -6.08 -15.65
C LYS B 167 2.54 -6.91 -14.45
N PRO B 168 3.76 -7.45 -14.42
CA PRO B 168 4.19 -8.19 -13.20
C PRO B 168 4.13 -7.37 -11.93
N PHE B 169 4.23 -6.05 -12.02
CA PHE B 169 4.22 -5.25 -10.79
C PHE B 169 2.82 -4.91 -10.33
N GLU B 170 1.81 -5.28 -11.10
CA GLU B 170 0.44 -5.11 -10.70
C GLU B 170 0.02 -6.32 -9.87
N THR B 171 -0.70 -6.07 -8.79
CA THR B 171 -1.26 -7.15 -7.99
C THR B 171 -2.14 -8.07 -8.86
N PRO B 172 -1.94 -9.40 -8.75
CA PRO B 172 -0.95 -10.03 -7.87
C PRO B 172 0.45 -10.03 -8.47
N VAL B 173 1.42 -9.69 -7.63
CA VAL B 173 2.82 -9.79 -8.01
C VAL B 173 3.30 -11.19 -7.67
NA NA C . -4.44 -13.85 31.16
NA NA D . 3.77 14.07 -31.42
C1 MLI E . 10.84 -10.01 -11.57
C2 MLI E . 11.72 -9.75 -10.36
C3 MLI E . 9.99 -8.78 -11.86
O6 MLI E . 11.20 -9.61 -9.22
O7 MLI E . 12.97 -9.65 -10.49
O8 MLI E . 9.96 -7.86 -11.00
O9 MLI E . 9.33 -8.68 -12.92
#